data_8A66
#
_entry.id   8A66
#
_cell.length_a   90.77
_cell.length_b   99.04
_cell.length_c   167.29
_cell.angle_alpha   90
_cell.angle_beta   90
_cell.angle_gamma   90
#
_symmetry.space_group_name_H-M   'C 2 2 21'
#
loop_
_entity.id
_entity.type
_entity.pdbx_description
1 polymer 'Serine/threonine-protein kinase 3 36kDa subunit'
2 polymer 'Serine/threonine-protein kinase 3 36kDa subunit'
3 non-polymer 4-[(5,10-dimethyl-6-oxo-6,10-dihydro-5H-pyrimido[5,4-b]thieno[3,2-e][1,4]diazepin-2-yl)amino]benzenesulfonamide
4 non-polymer 'SODIUM ION'
5 water water
#
loop_
_entity_poly.entity_id
_entity_poly.type
_entity_poly.pdbx_seq_one_letter_code
_entity_poly.pdbx_strand_id
1 'polypeptide(L)'
;GEDSLTKQPEEVFDVLEKLGEGSYGSVFKAIHKESGQVVAIKQVPVESDLQEIIKEISIMQQCDSPYVVKYYGSYFKNTD
LWIVMEYCGAGSVSDIIRLRNKTLIEDEIATILKSTLKGLEYLHFMRKIHRDIKAGNILLNTEGHAKLADFGVAGQLTDT
MAKRN(TPO)VIGTPFWMAPEVIQEIGYNCVADIWSLGITSIEMAEGKPPYADIHPMRAIFMIPTNPPPTFRKPELWSDD
FTDFVKKCLVKNPEQRATATQLLQHPFIKNAKPVSILRDLITEAMEIKAKRHEEQQRELEEE
;
A
2 'polypeptide(L)'
;GEDSLTKQPEEVFDVLEKLGEGSYGSVFKAIHKESGQVVAIKQVPVESDLQEIIKEISIMQQCDSPYVVKYYGSYFKNTD
LWIVMEYCGAGSVSDIIRLRNKTLIEDEIATILKSTLKGLEYLHFMRKIHRDIKAGNILLNTEGHAKLADFGVAGQLTD
(TPO)MAKRN(TPO)VIGTPFWMAPEVIQEIGYNCVADIWSLGITSIEMAEGKPPYADIHPMRAIFMIPTNPPPTFRKPE
LWSDDFTDFVKKCLVKNPEQRA(TPO)ATQLLQHPFIKNAKPVSILRDLITEAMEIKAKRHEEQQRELEEE
;
B
#
loop_
_chem_comp.id
_chem_comp.type
_chem_comp.name
_chem_comp.formula
5BS non-polymer 4-[(5,10-dimethyl-6-oxo-6,10-dihydro-5H-pyrimido[5,4-b]thieno[3,2-e][1,4]diazepin-2-yl)amino]benzenesulfonamide 'C17 H16 N6 O3 S2'
NA non-polymer 'SODIUM ION' 'Na 1'
#
# COMPACT_ATOMS: atom_id res chain seq x y z
N GLU A 10 -1.95 -46.00 -2.83
CA GLU A 10 -1.91 -45.49 -1.46
C GLU A 10 -0.47 -45.21 -1.01
N GLU A 11 0.46 -46.20 -1.12
CA GLU A 11 1.86 -45.95 -0.72
C GLU A 11 2.66 -45.15 -1.78
N VAL A 12 1.95 -44.38 -2.61
CA VAL A 12 2.59 -43.51 -3.58
C VAL A 12 2.90 -42.11 -2.95
N PHE A 13 2.41 -41.85 -1.71
CA PHE A 13 2.63 -40.62 -0.96
C PHE A 13 3.22 -40.93 0.42
N ASP A 14 4.14 -40.09 0.89
CA ASP A 14 4.69 -40.19 2.23
C ASP A 14 3.94 -39.15 3.08
N VAL A 15 2.86 -39.58 3.78
CA VAL A 15 2.04 -38.73 4.64
C VAL A 15 2.86 -38.24 5.83
N LEU A 16 2.86 -36.92 6.03
CA LEU A 16 3.62 -36.27 7.09
C LEU A 16 2.68 -35.64 8.14
N GLU A 17 3.05 -34.49 8.75
CA GLU A 17 2.28 -33.85 9.82
C GLU A 17 0.91 -33.26 9.40
N LYS A 18 0.04 -33.11 10.38
CA LYS A 18 -1.28 -32.52 10.24
C LYS A 18 -1.09 -31.04 10.03
N LEU A 19 -1.72 -30.49 8.99
CA LEU A 19 -1.62 -29.07 8.68
C LEU A 19 -2.64 -28.26 9.48
N GLY A 20 -2.22 -27.06 9.90
CA GLY A 20 -3.04 -26.16 10.70
C GLY A 20 -2.31 -25.54 11.86
N GLY A 25 -9.24 -30.58 12.83
CA GLY A 25 -8.81 -30.62 11.44
C GLY A 25 -8.71 -32.02 10.87
N SER A 26 -8.31 -32.16 9.59
CA SER A 26 -8.16 -33.46 8.93
C SER A 26 -7.22 -33.43 7.70
N VAL A 27 -6.47 -32.34 7.50
CA VAL A 27 -5.58 -32.22 6.35
C VAL A 27 -4.13 -32.47 6.77
N PHE A 28 -3.38 -33.23 5.95
CA PHE A 28 -1.99 -33.55 6.24
C PHE A 28 -1.08 -33.10 5.12
N LYS A 29 0.16 -32.78 5.46
CA LYS A 29 1.18 -32.49 4.47
C LYS A 29 1.61 -33.88 3.96
N ALA A 30 1.93 -34.02 2.67
CA ALA A 30 2.40 -35.30 2.14
C ALA A 30 3.32 -35.08 0.95
N ILE A 31 4.15 -36.06 0.61
CA ILE A 31 5.03 -35.97 -0.55
C ILE A 31 4.70 -37.04 -1.57
N HIS A 32 4.42 -36.66 -2.84
CA HIS A 32 4.21 -37.64 -3.92
C HIS A 32 5.59 -38.23 -4.17
N LYS A 33 5.83 -39.46 -3.67
CA LYS A 33 7.12 -40.13 -3.62
C LYS A 33 8.00 -40.05 -4.88
N GLU A 34 7.44 -40.21 -6.09
CA GLU A 34 8.27 -40.19 -7.28
C GLU A 34 8.53 -38.79 -7.85
N SER A 35 7.49 -37.96 -8.02
CA SER A 35 7.70 -36.62 -8.56
C SER A 35 8.29 -35.62 -7.53
N GLY A 36 8.20 -35.94 -6.25
CA GLY A 36 8.71 -35.10 -5.16
C GLY A 36 7.78 -34.00 -4.70
N GLN A 37 6.72 -33.73 -5.49
CA GLN A 37 5.71 -32.69 -5.27
C GLN A 37 5.04 -32.78 -3.91
N VAL A 38 4.92 -31.64 -3.22
CA VAL A 38 4.26 -31.56 -1.92
C VAL A 38 2.75 -31.38 -2.15
N VAL A 39 1.95 -32.22 -1.48
CA VAL A 39 0.50 -32.21 -1.61
C VAL A 39 -0.15 -32.07 -0.24
N ALA A 40 -1.46 -31.75 -0.22
CA ALA A 40 -2.23 -31.66 1.02
C ALA A 40 -3.32 -32.73 0.91
N ILE A 41 -3.34 -33.68 1.85
CA ILE A 41 -4.29 -34.79 1.80
C ILE A 41 -5.32 -34.76 2.94
N LYS A 42 -6.60 -34.73 2.61
CA LYS A 42 -7.65 -34.71 3.61
C LYS A 42 -8.14 -36.15 3.92
N GLN A 43 -8.15 -36.52 5.20
CA GLN A 43 -8.62 -37.82 5.67
C GLN A 43 -10.13 -37.72 5.95
N VAL A 44 -10.96 -38.48 5.19
CA VAL A 44 -12.41 -38.44 5.28
C VAL A 44 -12.95 -39.79 5.75
N PRO A 45 -13.68 -39.85 6.89
CA PRO A 45 -14.19 -41.16 7.37
C PRO A 45 -15.34 -41.78 6.58
N VAL A 46 -15.59 -43.10 6.75
CA VAL A 46 -16.67 -43.85 6.08
C VAL A 46 -18.06 -43.32 6.35
N GLU A 47 -18.33 -42.96 7.60
CA GLU A 47 -19.64 -42.49 8.02
C GLU A 47 -19.99 -41.09 7.48
N SER A 48 -19.06 -40.43 6.77
CA SER A 48 -19.31 -39.11 6.17
C SER A 48 -20.37 -39.26 5.08
N ASP A 49 -21.05 -38.15 4.75
CA ASP A 49 -22.02 -38.12 3.66
C ASP A 49 -21.20 -38.25 2.37
N LEU A 50 -21.04 -39.47 1.88
CA LEU A 50 -20.20 -39.76 0.74
C LEU A 50 -20.72 -39.19 -0.59
N GLN A 51 -22.05 -38.96 -0.70
CA GLN A 51 -22.60 -38.32 -1.89
C GLN A 51 -22.18 -36.83 -1.91
N GLU A 52 -22.11 -36.21 -0.71
CA GLU A 52 -21.66 -34.85 -0.53
C GLU A 52 -20.14 -34.76 -0.81
N ILE A 53 -19.36 -35.80 -0.46
CA ILE A 53 -17.92 -35.82 -0.74
C ILE A 53 -17.67 -35.85 -2.25
N ILE A 54 -18.47 -36.65 -3.00
CA ILE A 54 -18.34 -36.67 -4.47
C ILE A 54 -18.75 -35.32 -5.03
N LYS A 55 -19.81 -34.70 -4.48
CA LYS A 55 -20.23 -33.37 -4.90
C LYS A 55 -19.09 -32.34 -4.67
N GLU A 56 -18.38 -32.45 -3.54
CA GLU A 56 -17.23 -31.64 -3.20
C GLU A 56 -16.08 -31.83 -4.21
N ILE A 57 -15.75 -33.09 -4.52
CA ILE A 57 -14.67 -33.42 -5.47
C ILE A 57 -15.03 -32.98 -6.90
N SER A 58 -16.26 -33.20 -7.29
CA SER A 58 -16.81 -32.87 -8.60
C SER A 58 -16.69 -31.36 -8.87
N ILE A 59 -17.04 -30.52 -7.88
CA ILE A 59 -16.92 -29.07 -7.99
C ILE A 59 -15.44 -28.69 -8.19
N MET A 60 -14.54 -29.27 -7.38
CA MET A 60 -13.10 -29.05 -7.53
C MET A 60 -12.60 -29.45 -8.90
N GLN A 61 -13.08 -30.59 -9.44
CA GLN A 61 -12.63 -31.08 -10.74
C GLN A 61 -13.07 -30.16 -11.85
N GLN A 62 -14.33 -29.68 -11.80
CA GLN A 62 -14.82 -28.82 -12.89
C GLN A 62 -14.35 -27.37 -12.76
N CYS A 63 -13.34 -27.10 -11.92
CA CYS A 63 -12.74 -25.78 -11.73
C CYS A 63 -11.33 -25.82 -12.22
N ASP A 64 -10.96 -24.83 -13.02
CA ASP A 64 -9.61 -24.72 -13.53
C ASP A 64 -9.26 -23.24 -13.43
N SER A 65 -8.68 -22.87 -12.29
CA SER A 65 -8.34 -21.48 -12.02
C SER A 65 -7.17 -21.45 -11.07
N PRO A 66 -6.22 -20.52 -11.27
CA PRO A 66 -5.12 -20.39 -10.29
C PRO A 66 -5.59 -19.81 -8.95
N TYR A 67 -6.85 -19.38 -8.87
CA TYR A 67 -7.40 -18.83 -7.64
C TYR A 67 -8.22 -19.85 -6.85
N VAL A 68 -8.31 -21.12 -7.33
CA VAL A 68 -9.05 -22.20 -6.67
C VAL A 68 -8.11 -23.41 -6.48
N VAL A 69 -8.09 -23.98 -5.26
CA VAL A 69 -7.28 -25.15 -4.89
C VAL A 69 -7.61 -26.31 -5.82
N LYS A 70 -6.55 -26.96 -6.32
CA LYS A 70 -6.75 -28.07 -7.25
C LYS A 70 -6.86 -29.42 -6.56
N TYR A 71 -7.61 -30.32 -7.19
CA TYR A 71 -7.82 -31.70 -6.76
C TYR A 71 -6.88 -32.58 -7.64
N TYR A 72 -6.15 -33.50 -7.04
CA TYR A 72 -5.21 -34.35 -7.77
C TYR A 72 -5.73 -35.79 -7.92
N GLY A 73 -6.35 -36.28 -6.88
CA GLY A 73 -6.88 -37.64 -6.89
C GLY A 73 -7.28 -38.09 -5.51
N SER A 74 -7.70 -39.36 -5.41
CA SER A 74 -8.11 -39.89 -4.12
C SER A 74 -7.82 -41.38 -4.00
N TYR A 75 -7.77 -41.88 -2.76
CA TYR A 75 -7.47 -43.28 -2.52
C TYR A 75 -8.11 -43.79 -1.26
N PHE A 76 -8.27 -45.12 -1.18
CA PHE A 76 -8.85 -45.73 0.00
C PHE A 76 -7.79 -46.43 0.79
N LYS A 77 -7.82 -46.23 2.10
CA LYS A 77 -6.88 -46.86 3.00
C LYS A 77 -7.57 -47.07 4.32
N ASN A 78 -7.70 -48.34 4.73
CA ASN A 78 -8.31 -48.74 5.99
C ASN A 78 -9.68 -48.14 6.21
N THR A 79 -10.51 -48.14 5.15
CA THR A 79 -11.89 -47.65 5.05
C THR A 79 -11.97 -46.10 4.88
N ASP A 80 -10.86 -45.37 5.11
CA ASP A 80 -10.87 -43.90 4.92
C ASP A 80 -10.69 -43.54 3.45
N LEU A 81 -11.23 -42.39 3.06
CA LEU A 81 -11.07 -41.82 1.74
C LEU A 81 -10.05 -40.70 1.94
N TRP A 82 -8.95 -40.74 1.22
CA TRP A 82 -7.96 -39.69 1.30
C TRP A 82 -8.06 -38.88 0.04
N ILE A 83 -8.29 -37.57 0.15
CA ILE A 83 -8.46 -36.66 -0.97
C ILE A 83 -7.21 -35.85 -1.12
N VAL A 84 -6.52 -36.03 -2.25
CA VAL A 84 -5.26 -35.36 -2.56
C VAL A 84 -5.55 -34.08 -3.23
N MET A 85 -4.99 -33.01 -2.68
CA MET A 85 -5.20 -31.66 -3.14
C MET A 85 -3.90 -30.85 -3.19
N GLU A 86 -3.96 -29.67 -3.82
CA GLU A 86 -2.86 -28.74 -3.94
C GLU A 86 -2.48 -28.19 -2.58
N TYR A 87 -1.17 -28.19 -2.28
CA TYR A 87 -0.60 -27.66 -1.03
C TYR A 87 -0.22 -26.17 -1.20
N CYS A 88 -0.71 -25.32 -0.30
CA CYS A 88 -0.38 -23.90 -0.29
C CYS A 88 0.55 -23.71 0.91
N GLY A 89 1.83 -23.45 0.66
CA GLY A 89 2.87 -23.29 1.68
C GLY A 89 2.70 -22.32 2.83
N ALA A 90 2.02 -21.17 2.62
CA ALA A 90 1.85 -20.20 3.70
C ALA A 90 0.69 -20.49 4.66
N GLY A 91 -0.17 -21.44 4.33
CA GLY A 91 -1.32 -21.76 5.16
C GLY A 91 -2.50 -20.84 4.90
N SER A 92 -3.50 -20.87 5.80
CA SER A 92 -4.68 -20.03 5.63
C SER A 92 -4.41 -18.63 6.15
N VAL A 93 -5.26 -17.64 5.78
CA VAL A 93 -5.05 -16.30 6.34
C VAL A 93 -5.32 -16.34 7.88
N SER A 94 -6.17 -17.26 8.35
CA SER A 94 -6.44 -17.44 9.76
C SER A 94 -5.18 -18.02 10.47
N ASP A 95 -4.44 -18.93 9.80
CA ASP A 95 -3.21 -19.50 10.33
C ASP A 95 -2.18 -18.38 10.51
N ILE A 96 -2.03 -17.51 9.50
CA ILE A 96 -1.08 -16.39 9.52
C ILE A 96 -1.38 -15.37 10.63
N ILE A 97 -2.67 -15.08 10.89
CA ILE A 97 -3.12 -14.20 11.97
C ILE A 97 -2.86 -14.88 13.33
N ARG A 98 -3.06 -16.20 13.42
CA ARG A 98 -2.81 -16.95 14.67
C ARG A 98 -1.26 -17.04 14.97
N LEU A 99 -0.48 -17.52 13.99
CA LEU A 99 0.97 -17.68 14.05
C LEU A 99 1.69 -16.40 14.51
N ARG A 100 1.43 -15.27 13.83
CA ARG A 100 2.05 -13.98 14.15
C ARG A 100 1.41 -13.27 15.36
N ASN A 101 0.18 -13.66 15.72
CA ASN A 101 -0.60 -12.99 16.75
C ASN A 101 -0.84 -11.50 16.36
N LYS A 102 -1.00 -11.24 15.05
CA LYS A 102 -1.22 -9.89 14.54
C LYS A 102 -2.34 -9.90 13.51
N THR A 103 -3.22 -8.90 13.59
CA THR A 103 -4.24 -8.73 12.57
C THR A 103 -3.58 -8.13 11.30
N LEU A 104 -4.30 -8.10 10.19
CA LEU A 104 -3.72 -7.62 8.95
C LEU A 104 -3.96 -6.13 8.70
N ILE A 105 -2.94 -5.47 8.13
CA ILE A 105 -3.07 -4.05 7.79
C ILE A 105 -3.83 -3.94 6.48
N GLU A 106 -4.44 -2.79 6.21
CA GLU A 106 -5.23 -2.61 4.98
C GLU A 106 -4.52 -3.01 3.69
N ASP A 107 -3.23 -2.74 3.58
CA ASP A 107 -2.46 -3.10 2.37
C ASP A 107 -2.48 -4.62 2.16
N GLU A 108 -2.32 -5.39 3.24
CA GLU A 108 -2.34 -6.85 3.21
C GLU A 108 -3.74 -7.39 2.84
N ILE A 109 -4.78 -6.84 3.49
CA ILE A 109 -6.17 -7.21 3.24
C ILE A 109 -6.58 -6.98 1.79
N ALA A 110 -6.23 -5.82 1.20
CA ALA A 110 -6.59 -5.52 -0.20
C ALA A 110 -5.97 -6.48 -1.21
N THR A 111 -4.71 -6.84 -1.02
CA THR A 111 -3.98 -7.72 -1.90
C THR A 111 -4.57 -9.13 -1.86
N ILE A 112 -4.77 -9.67 -0.64
CA ILE A 112 -5.36 -10.99 -0.45
C ILE A 112 -6.78 -11.03 -0.98
N LEU A 113 -7.55 -9.97 -0.71
CA LEU A 113 -8.95 -9.91 -1.15
C LEU A 113 -9.11 -9.68 -2.64
N LYS A 114 -8.09 -9.14 -3.33
CA LYS A 114 -8.18 -9.02 -4.78
C LYS A 114 -8.15 -10.42 -5.40
N SER A 115 -7.23 -11.28 -4.92
CA SER A 115 -7.12 -12.65 -5.43
C SER A 115 -8.34 -13.46 -5.03
N THR A 116 -8.85 -13.26 -3.80
CA THR A 116 -10.04 -13.96 -3.32
C THR A 116 -11.25 -13.62 -4.19
N LEU A 117 -11.36 -12.34 -4.58
CA LEU A 117 -12.41 -11.87 -5.46
C LEU A 117 -12.30 -12.44 -6.87
N LYS A 118 -11.09 -12.71 -7.34
CA LYS A 118 -10.89 -13.33 -8.64
C LYS A 118 -11.31 -14.82 -8.62
N GLY A 119 -11.14 -15.47 -7.47
CA GLY A 119 -11.57 -16.86 -7.28
C GLY A 119 -13.08 -16.90 -7.22
N LEU A 120 -13.66 -15.95 -6.51
CA LEU A 120 -15.10 -15.77 -6.35
C LEU A 120 -15.72 -15.50 -7.71
N GLU A 121 -15.11 -14.61 -8.49
CA GLU A 121 -15.57 -14.27 -9.83
C GLU A 121 -15.57 -15.50 -10.72
N TYR A 122 -14.50 -16.29 -10.68
CA TYR A 122 -14.43 -17.52 -11.45
C TYR A 122 -15.55 -18.51 -11.05
N LEU A 123 -15.69 -18.80 -9.72
CA LEU A 123 -16.67 -19.73 -9.17
C LEU A 123 -18.07 -19.33 -9.59
N HIS A 124 -18.41 -18.05 -9.43
CA HIS A 124 -19.73 -17.48 -9.71
C HIS A 124 -20.04 -17.48 -11.20
N PHE A 125 -19.01 -17.38 -12.04
CA PHE A 125 -19.17 -17.49 -13.49
C PHE A 125 -19.51 -18.95 -13.86
N MET A 126 -18.96 -19.93 -13.11
CA MET A 126 -19.24 -21.36 -13.28
C MET A 126 -20.49 -21.78 -12.47
N ARG A 127 -21.34 -20.81 -12.07
CA ARG A 127 -22.58 -20.91 -11.29
C ARG A 127 -22.43 -21.81 -10.04
N LYS A 128 -21.43 -21.52 -9.21
CA LYS A 128 -21.18 -22.27 -7.99
C LYS A 128 -21.12 -21.33 -6.82
N ILE A 129 -21.69 -21.72 -5.68
CA ILE A 129 -21.65 -20.90 -4.47
C ILE A 129 -20.72 -21.65 -3.51
N HIS A 130 -19.66 -21.01 -3.01
CA HIS A 130 -18.73 -21.66 -2.10
C HIS A 130 -19.42 -22.00 -0.79
N ARG A 131 -20.20 -21.05 -0.26
CA ARG A 131 -21.04 -21.16 0.94
C ARG A 131 -20.27 -21.19 2.27
N ASP A 132 -18.93 -21.23 2.22
CA ASP A 132 -18.11 -21.21 3.43
C ASP A 132 -16.88 -20.30 3.33
N ILE A 133 -17.05 -19.08 2.84
CA ILE A 133 -15.95 -18.14 2.77
CA ILE A 133 -15.96 -18.13 2.76
C ILE A 133 -15.68 -17.61 4.16
N LYS A 134 -14.43 -17.70 4.57
CA LYS A 134 -13.91 -17.25 5.86
C LYS A 134 -12.38 -17.26 5.74
N ALA A 135 -11.67 -16.58 6.64
CA ALA A 135 -10.21 -16.54 6.60
C ALA A 135 -9.58 -17.94 6.66
N GLY A 136 -10.24 -18.90 7.31
CA GLY A 136 -9.75 -20.27 7.42
C GLY A 136 -9.73 -21.02 6.11
N ASN A 137 -10.58 -20.58 5.13
CA ASN A 137 -10.68 -21.22 3.81
C ASN A 137 -10.06 -20.39 2.67
N ILE A 138 -9.28 -19.38 3.00
CA ILE A 138 -8.54 -18.62 2.00
C ILE A 138 -7.11 -19.00 2.26
N LEU A 139 -6.49 -19.73 1.35
CA LEU A 139 -5.13 -20.24 1.54
C LEU A 139 -4.13 -19.50 0.70
N LEU A 140 -2.93 -19.26 1.24
CA LEU A 140 -1.89 -18.56 0.52
C LEU A 140 -0.76 -19.50 0.14
N ASN A 141 -0.26 -19.40 -1.09
CA ASN A 141 0.93 -20.15 -1.47
C ASN A 141 2.21 -19.37 -1.01
N THR A 142 3.38 -19.96 -1.17
CA THR A 142 4.65 -19.36 -0.80
C THR A 142 4.86 -18.00 -1.51
N GLU A 143 4.50 -17.89 -2.80
CA GLU A 143 4.60 -16.65 -3.55
C GLU A 143 3.71 -15.53 -2.99
N GLY A 144 2.60 -15.88 -2.35
CA GLY A 144 1.67 -14.91 -1.80
C GLY A 144 0.31 -14.87 -2.48
N HIS A 145 0.02 -15.86 -3.35
CA HIS A 145 -1.25 -15.91 -4.05
C HIS A 145 -2.34 -16.59 -3.25
N ALA A 146 -3.47 -15.90 -3.04
CA ALA A 146 -4.61 -16.44 -2.30
C ALA A 146 -5.48 -17.33 -3.20
N LYS A 147 -5.97 -18.44 -2.61
CA LYS A 147 -6.80 -19.42 -3.27
C LYS A 147 -7.97 -19.82 -2.41
N LEU A 148 -9.10 -20.09 -3.05
CA LEU A 148 -10.29 -20.55 -2.38
C LEU A 148 -10.13 -22.04 -2.12
N ALA A 149 -10.49 -22.47 -0.91
CA ALA A 149 -10.36 -23.87 -0.55
C ALA A 149 -11.56 -24.32 0.28
N ASP A 150 -11.76 -25.64 0.38
CA ASP A 150 -12.86 -26.27 1.10
C ASP A 150 -14.20 -26.11 0.41
N PHE A 151 -14.46 -27.01 -0.54
CA PHE A 151 -15.72 -27.01 -1.25
C PHE A 151 -16.72 -28.02 -0.70
N GLY A 152 -16.56 -28.40 0.57
CA GLY A 152 -17.38 -29.39 1.26
C GLY A 152 -18.83 -28.99 1.46
N VAL A 153 -19.10 -27.71 1.44
CA VAL A 153 -20.44 -27.18 1.63
C VAL A 153 -20.93 -26.40 0.35
N ALA A 154 -20.11 -26.39 -0.73
CA ALA A 154 -20.41 -25.69 -1.98
C ALA A 154 -21.62 -26.23 -2.74
N GLY A 155 -22.47 -25.32 -3.21
CA GLY A 155 -23.67 -25.65 -3.96
C GLY A 155 -23.55 -25.25 -5.42
N GLN A 156 -24.24 -25.96 -6.30
CA GLN A 156 -24.21 -25.67 -7.73
C GLN A 156 -25.58 -25.13 -8.18
N LEU A 157 -25.59 -24.01 -8.93
CA LEU A 157 -26.83 -23.43 -9.44
C LEU A 157 -27.05 -23.93 -10.86
N THR A 158 -28.27 -24.37 -11.17
CA THR A 158 -28.57 -24.93 -12.49
C THR A 158 -28.64 -23.85 -13.61
N ASP A 159 -29.09 -22.61 -13.28
CA ASP A 159 -29.20 -21.50 -14.24
C ASP A 159 -29.35 -20.10 -13.56
N THR A 160 -29.22 -18.99 -14.31
CA THR A 160 -29.36 -17.65 -13.74
C THR A 160 -30.84 -17.31 -13.53
N ALA A 162 -32.17 -19.72 -10.98
CA ALA A 162 -32.06 -20.74 -9.93
C ALA A 162 -31.51 -20.18 -8.61
N LYS A 163 -32.03 -20.72 -7.51
CA LYS A 163 -31.67 -20.39 -6.15
C LYS A 163 -31.49 -21.68 -5.33
N ARG A 164 -30.81 -21.58 -4.18
CA ARG A 164 -30.61 -22.70 -3.26
C ARG A 164 -31.35 -22.39 -1.98
N ASN A 165 -31.71 -23.42 -1.22
CA ASN A 165 -32.48 -23.20 0.03
C ASN A 165 -31.83 -23.77 1.26
N TPO A 166 -30.68 -24.45 1.13
CA TPO A 166 -30.06 -25.08 2.27
CB TPO A 166 -29.06 -26.13 1.79
CG2 TPO A 166 -28.53 -26.87 3.01
OG1 TPO A 166 -29.66 -27.10 0.90
P TPO A 166 -29.07 -27.09 -0.54
O1P TPO A 166 -29.05 -25.68 -1.06
O2P TPO A 166 -29.95 -27.96 -1.44
O3P TPO A 166 -27.68 -27.71 -0.68
C TPO A 166 -29.43 -24.09 3.23
O TPO A 166 -28.55 -23.33 2.82
N VAL A 167 -29.90 -24.06 4.50
CA VAL A 167 -29.25 -23.20 5.48
C VAL A 167 -28.00 -23.98 5.90
N ILE A 168 -26.86 -23.54 5.36
CA ILE A 168 -25.55 -24.16 5.54
C ILE A 168 -24.44 -23.11 5.54
N GLY A 169 -23.30 -23.45 6.11
CA GLY A 169 -22.13 -22.60 6.26
C GLY A 169 -21.75 -22.52 7.72
N THR A 170 -21.02 -21.46 8.11
CA THR A 170 -20.62 -21.24 9.49
CA THR A 170 -20.61 -21.24 9.50
C THR A 170 -21.33 -19.99 9.99
N PRO A 171 -22.11 -20.13 11.09
CA PRO A 171 -22.95 -19.02 11.58
C PRO A 171 -22.47 -17.54 11.48
N PHE A 172 -21.31 -17.15 12.05
CA PHE A 172 -20.92 -15.73 12.02
C PHE A 172 -20.70 -15.19 10.60
N TRP A 173 -20.40 -16.05 9.62
CA TRP A 173 -20.11 -15.66 8.25
C TRP A 173 -21.29 -15.80 7.29
N MET A 174 -22.42 -16.32 7.76
CA MET A 174 -23.58 -16.57 6.91
C MET A 174 -24.37 -15.32 6.57
N ALA A 175 -24.81 -15.22 5.29
CA ALA A 175 -25.63 -14.15 4.70
C ALA A 175 -27.02 -14.17 5.31
N PRO A 176 -27.66 -13.01 5.52
CA PRO A 176 -29.00 -13.02 6.14
C PRO A 176 -30.04 -13.82 5.35
N GLU A 177 -30.05 -13.75 4.01
CA GLU A 177 -31.04 -14.48 3.21
C GLU A 177 -30.88 -16.01 3.27
N VAL A 178 -29.67 -16.50 3.60
CA VAL A 178 -29.42 -17.93 3.75
C VAL A 178 -30.19 -18.41 5.02
N ILE A 179 -30.10 -17.63 6.10
CA ILE A 179 -30.74 -17.87 7.39
C ILE A 179 -32.25 -17.66 7.32
N GLN A 180 -32.67 -16.65 6.56
CA GLN A 180 -34.08 -16.31 6.36
C GLN A 180 -34.89 -17.34 5.59
N GLU A 181 -34.22 -18.30 4.96
CA GLU A 181 -34.82 -19.39 4.21
C GLU A 181 -35.54 -18.95 2.91
N ILE A 182 -35.48 -17.65 2.56
CA ILE A 182 -35.92 -17.20 1.24
C ILE A 182 -34.79 -17.68 0.27
N GLY A 183 -35.03 -17.62 -1.03
CA GLY A 183 -34.04 -18.11 -1.99
C GLY A 183 -32.71 -17.38 -1.91
N TYR A 184 -31.62 -18.03 -2.36
CA TYR A 184 -30.32 -17.36 -2.38
C TYR A 184 -29.46 -17.82 -3.56
N ASN A 185 -28.59 -16.94 -4.03
CA ASN A 185 -27.70 -17.24 -5.16
C ASN A 185 -26.19 -17.02 -4.80
N CYS A 186 -25.33 -16.65 -5.74
CA CYS A 186 -23.90 -16.46 -5.55
C CYS A 186 -23.51 -15.30 -4.65
N VAL A 187 -24.30 -14.20 -4.61
CA VAL A 187 -23.93 -13.05 -3.76
C VAL A 187 -24.01 -13.36 -2.25
N ALA A 188 -24.45 -14.56 -1.86
CA ALA A 188 -24.43 -14.96 -0.46
C ALA A 188 -22.92 -15.02 -0.01
N ASP A 189 -21.99 -15.39 -0.92
CA ASP A 189 -20.53 -15.43 -0.71
C ASP A 189 -19.93 -14.04 -0.53
N ILE A 190 -20.55 -13.00 -1.14
CA ILE A 190 -20.10 -11.61 -1.02
C ILE A 190 -20.35 -11.09 0.40
N TRP A 191 -21.46 -11.51 1.02
CA TRP A 191 -21.72 -11.17 2.43
C TRP A 191 -20.61 -11.81 3.30
N SER A 192 -20.32 -13.11 3.06
CA SER A 192 -19.29 -13.84 3.79
C SER A 192 -17.94 -13.20 3.59
N LEU A 193 -17.64 -12.70 2.38
CA LEU A 193 -16.40 -11.98 2.09
C LEU A 193 -16.30 -10.73 2.95
N GLY A 194 -17.42 -10.02 3.13
CA GLY A 194 -17.43 -8.82 3.97
C GLY A 194 -17.13 -9.14 5.42
N ILE A 195 -17.72 -10.23 5.95
CA ILE A 195 -17.51 -10.66 7.34
C ILE A 195 -16.02 -11.07 7.51
N THR A 196 -15.48 -11.79 6.50
CA THR A 196 -14.08 -12.19 6.44
C THR A 196 -13.14 -10.97 6.45
N SER A 197 -13.49 -9.90 5.72
CA SER A 197 -12.64 -8.71 5.69
C SER A 197 -12.50 -8.09 7.09
N ILE A 198 -13.60 -8.07 7.86
CA ILE A 198 -13.60 -7.62 9.24
C ILE A 198 -12.78 -8.59 10.10
N GLU A 199 -12.89 -9.90 9.84
CA GLU A 199 -12.15 -10.96 10.54
C GLU A 199 -10.61 -10.79 10.34
N MET A 200 -10.17 -10.37 9.14
CA MET A 200 -8.74 -10.16 8.87
C MET A 200 -8.26 -8.88 9.55
N ALA A 201 -9.10 -7.84 9.58
CA ALA A 201 -8.77 -6.58 10.23
C ALA A 201 -8.80 -6.67 11.78
N GLU A 202 -9.70 -7.49 12.36
CA GLU A 202 -9.86 -7.57 13.82
C GLU A 202 -9.48 -8.90 14.48
N GLY A 203 -9.15 -9.90 13.68
CA GLY A 203 -8.77 -11.21 14.20
C GLY A 203 -9.93 -12.13 14.49
N LYS A 204 -11.16 -11.57 14.58
CA LYS A 204 -12.40 -12.29 14.84
C LYS A 204 -13.51 -11.67 14.03
N PRO A 205 -14.52 -12.43 13.61
CA PRO A 205 -15.68 -11.81 12.93
C PRO A 205 -16.58 -11.08 13.93
N PRO A 206 -17.57 -10.28 13.46
CA PRO A 206 -18.54 -9.70 14.41
C PRO A 206 -19.30 -10.79 15.15
N TYR A 207 -19.58 -10.58 16.44
CA TYR A 207 -20.28 -11.51 17.36
C TYR A 207 -19.46 -12.72 17.77
N ALA A 208 -18.18 -12.81 17.40
CA ALA A 208 -17.36 -13.99 17.71
C ALA A 208 -17.42 -14.48 19.16
N ASP A 209 -17.69 -13.59 20.13
CA ASP A 209 -17.73 -13.98 21.53
C ASP A 209 -19.14 -14.25 22.07
N ILE A 210 -20.12 -14.37 21.18
CA ILE A 210 -21.52 -14.70 21.44
C ILE A 210 -21.76 -16.16 20.96
N HIS A 211 -22.76 -16.86 21.53
CA HIS A 211 -23.06 -18.23 21.12
C HIS A 211 -23.48 -18.24 19.65
N PRO A 212 -22.92 -19.14 18.83
CA PRO A 212 -23.22 -19.10 17.39
C PRO A 212 -24.69 -19.22 17.02
N MET A 213 -25.51 -19.94 17.83
CA MET A 213 -26.94 -20.03 17.53
C MET A 213 -27.68 -18.75 17.90
N ARG A 214 -27.16 -17.98 18.89
CA ARG A 214 -27.73 -16.69 19.25
CA ARG A 214 -27.73 -16.70 19.25
C ARG A 214 -27.43 -15.68 18.14
N ALA A 215 -26.20 -15.75 17.56
CA ALA A 215 -25.79 -14.85 16.46
C ALA A 215 -26.60 -15.11 15.20
N ILE A 216 -26.82 -16.41 14.84
CA ILE A 216 -27.64 -16.86 13.70
C ILE A 216 -29.02 -16.16 13.74
N PHE A 217 -29.59 -16.04 14.94
CA PHE A 217 -30.89 -15.46 15.20
C PHE A 217 -30.95 -13.95 14.96
N MET A 218 -29.85 -13.22 15.21
CA MET A 218 -29.88 -11.77 15.04
C MET A 218 -29.27 -11.26 13.74
N ILE A 219 -28.53 -12.08 12.97
CA ILE A 219 -27.96 -11.62 11.69
C ILE A 219 -29.03 -10.97 10.76
N PRO A 220 -30.25 -11.52 10.56
CA PRO A 220 -31.23 -10.85 9.69
C PRO A 220 -31.94 -9.65 10.32
N THR A 221 -31.95 -9.51 11.66
CA THR A 221 -32.65 -8.38 12.29
C THR A 221 -31.72 -7.22 12.64
N ASN A 222 -30.49 -7.51 13.02
CA ASN A 222 -29.50 -6.50 13.36
C ASN A 222 -29.07 -5.71 12.10
N PRO A 223 -28.57 -4.47 12.28
CA PRO A 223 -28.08 -3.73 11.12
C PRO A 223 -26.76 -4.32 10.60
N PRO A 224 -26.37 -4.04 9.34
CA PRO A 224 -25.10 -4.57 8.82
C PRO A 224 -23.93 -4.26 9.74
N PRO A 225 -23.10 -5.27 10.05
CA PRO A 225 -21.97 -5.04 10.94
C PRO A 225 -21.00 -3.99 10.43
N THR A 226 -20.34 -3.32 11.35
CA THR A 226 -19.31 -2.32 11.04
C THR A 226 -18.05 -2.65 11.87
N PHE A 227 -16.96 -1.90 11.70
CA PHE A 227 -15.75 -2.11 12.48
C PHE A 227 -15.99 -1.85 13.97
N ARG A 228 -15.19 -2.47 14.84
CA ARG A 228 -15.32 -2.25 16.29
C ARG A 228 -14.81 -0.84 16.65
N LYS A 229 -13.74 -0.38 15.96
CA LYS A 229 -13.11 0.94 16.10
C LYS A 229 -13.03 1.58 14.70
N PRO A 230 -14.14 2.19 14.21
CA PRO A 230 -14.16 2.72 12.83
C PRO A 230 -13.14 3.79 12.49
N GLU A 231 -12.61 4.47 13.51
CA GLU A 231 -11.63 5.55 13.36
C GLU A 231 -10.24 5.08 12.88
N LEU A 232 -9.98 3.76 12.91
CA LEU A 232 -8.69 3.20 12.48
C LEU A 232 -8.66 2.84 11.00
N TRP A 233 -9.82 2.80 10.34
CA TRP A 233 -9.89 2.33 8.97
C TRP A 233 -10.20 3.45 7.99
N SER A 234 -9.70 3.32 6.77
CA SER A 234 -9.84 4.28 5.68
C SER A 234 -11.25 4.35 5.12
N ASP A 235 -11.57 5.39 4.35
CA ASP A 235 -12.89 5.54 3.74
C ASP A 235 -13.19 4.42 2.77
N ASP A 236 -12.17 3.97 2.01
CA ASP A 236 -12.27 2.90 1.03
C ASP A 236 -12.58 1.54 1.65
N PHE A 237 -11.86 1.15 2.69
CA PHE A 237 -12.09 -0.12 3.37
C PHE A 237 -13.48 -0.15 4.02
N THR A 238 -13.90 0.94 4.69
CA THR A 238 -15.24 0.99 5.30
C THR A 238 -16.37 0.96 4.24
N ASP A 239 -16.14 1.56 3.08
CA ASP A 239 -17.14 1.55 2.00
C ASP A 239 -17.16 0.18 1.33
N PHE A 240 -15.99 -0.48 1.20
CA PHE A 240 -15.90 -1.83 0.63
C PHE A 240 -16.74 -2.80 1.50
N VAL A 241 -16.54 -2.73 2.82
CA VAL A 241 -17.25 -3.57 3.77
C VAL A 241 -18.77 -3.26 3.75
N LYS A 242 -19.13 -1.99 3.55
CA LYS A 242 -20.52 -1.54 3.43
C LYS A 242 -21.14 -2.13 2.16
N LYS A 243 -20.39 -2.19 1.05
CA LYS A 243 -20.87 -2.76 -0.21
C LYS A 243 -21.03 -4.29 -0.14
N CYS A 244 -20.26 -4.95 0.73
CA CYS A 244 -20.34 -6.39 0.93
C CYS A 244 -21.54 -6.69 1.83
N LEU A 245 -21.67 -5.93 2.93
CA LEU A 245 -22.71 -6.22 3.91
C LEU A 245 -24.04 -5.51 3.66
N VAL A 246 -24.63 -5.71 2.48
CA VAL A 246 -25.94 -5.15 2.17
C VAL A 246 -26.92 -6.26 2.47
N LYS A 247 -27.82 -6.06 3.43
CA LYS A 247 -28.75 -7.13 3.83
C LYS A 247 -29.63 -7.66 2.71
N ASN A 248 -29.98 -6.81 1.74
CA ASN A 248 -30.80 -7.25 0.63
C ASN A 248 -29.92 -7.75 -0.51
N PRO A 249 -29.94 -9.05 -0.80
CA PRO A 249 -29.07 -9.61 -1.86
C PRO A 249 -29.20 -9.04 -3.27
N GLU A 250 -30.41 -8.62 -3.69
CA GLU A 250 -30.55 -8.05 -5.02
C GLU A 250 -29.83 -6.69 -5.14
N GLN A 251 -29.60 -5.97 -4.01
CA GLN A 251 -28.82 -4.73 -4.05
C GLN A 251 -27.38 -4.91 -3.53
N ARG A 252 -26.87 -6.16 -3.52
CA ARG A 252 -25.51 -6.45 -3.07
C ARG A 252 -24.62 -6.61 -4.28
N ALA A 253 -23.42 -6.02 -4.20
CA ALA A 253 -22.45 -6.01 -5.28
C ALA A 253 -21.95 -7.40 -5.61
N THR A 254 -21.71 -7.67 -6.90
CA THR A 254 -21.15 -8.95 -7.34
C THR A 254 -19.61 -8.91 -7.24
N ALA A 255 -18.94 -10.06 -7.38
CA ALA A 255 -17.48 -10.13 -7.33
C ALA A 255 -16.87 -9.29 -8.47
N THR A 256 -17.49 -9.29 -9.67
CA THR A 256 -17.00 -8.53 -10.81
C THR A 256 -16.98 -7.02 -10.50
N GLN A 257 -18.03 -6.52 -9.86
CA GLN A 257 -18.11 -5.11 -9.50
C GLN A 257 -17.16 -4.74 -8.39
N LEU A 258 -16.96 -5.65 -7.41
CA LEU A 258 -16.04 -5.40 -6.29
C LEU A 258 -14.55 -5.34 -6.70
N LEU A 259 -14.22 -5.99 -7.81
CA LEU A 259 -12.89 -5.92 -8.39
C LEU A 259 -12.61 -4.51 -9.00
N GLN A 260 -13.64 -3.65 -9.14
CA GLN A 260 -13.53 -2.26 -9.60
C GLN A 260 -13.56 -1.25 -8.46
N HIS A 261 -14.02 -1.65 -7.26
CA HIS A 261 -14.08 -0.80 -6.08
C HIS A 261 -12.68 -0.29 -5.74
N PRO A 262 -12.52 1.02 -5.44
CA PRO A 262 -11.18 1.55 -5.11
C PRO A 262 -10.34 0.72 -4.15
N PHE A 263 -10.93 0.13 -3.09
CA PHE A 263 -10.15 -0.67 -2.14
C PHE A 263 -9.43 -1.84 -2.83
N ILE A 264 -10.06 -2.46 -3.83
CA ILE A 264 -9.51 -3.60 -4.55
C ILE A 264 -8.71 -3.15 -5.78
N LYS A 265 -9.25 -2.22 -6.59
CA LYS A 265 -8.55 -1.71 -7.78
C LYS A 265 -7.15 -1.20 -7.44
N ASN A 266 -7.02 -0.57 -6.26
CA ASN A 266 -5.75 -0.01 -5.82
C ASN A 266 -4.84 -0.96 -5.03
N ALA A 267 -5.09 -2.27 -5.06
CA ALA A 267 -4.23 -3.19 -4.30
C ALA A 267 -2.81 -3.23 -4.84
N LYS A 268 -1.85 -3.27 -3.93
CA LYS A 268 -0.43 -3.42 -4.26
C LYS A 268 -0.16 -4.87 -4.69
N PRO A 269 0.98 -5.14 -5.37
CA PRO A 269 1.27 -6.51 -5.79
C PRO A 269 1.54 -7.46 -4.63
N VAL A 270 1.38 -8.73 -4.91
CA VAL A 270 1.55 -9.87 -4.03
C VAL A 270 2.88 -9.82 -3.23
N SER A 271 3.91 -9.16 -3.78
CA SER A 271 5.22 -8.99 -3.15
C SER A 271 5.14 -8.30 -1.78
N ILE A 272 4.10 -7.47 -1.55
CA ILE A 272 3.96 -6.80 -0.25
C ILE A 272 3.59 -7.75 0.90
N LEU A 273 3.21 -9.02 0.59
CA LEU A 273 2.86 -10.03 1.58
C LEU A 273 4.06 -10.84 2.09
N ARG A 274 5.22 -10.72 1.42
CA ARG A 274 6.45 -11.46 1.72
C ARG A 274 6.86 -11.44 3.16
N ASP A 275 6.79 -10.29 3.82
CA ASP A 275 7.15 -10.18 5.22
C ASP A 275 6.21 -10.92 6.17
N LEU A 276 4.87 -10.88 5.96
CA LEU A 276 3.97 -11.64 6.82
C LEU A 276 4.13 -13.14 6.57
N ILE A 277 4.38 -13.55 5.32
CA ILE A 277 4.54 -14.96 4.97
C ILE A 277 5.80 -15.50 5.58
N THR A 278 6.91 -14.77 5.45
CA THR A 278 8.18 -15.14 6.05
C THR A 278 8.05 -15.21 7.57
N GLU A 279 7.44 -14.19 8.19
CA GLU A 279 7.26 -14.19 9.64
C GLU A 279 6.45 -15.40 10.12
N ALA A 280 5.24 -15.60 9.56
CA ALA A 280 4.35 -16.71 9.92
C ALA A 280 5.03 -18.06 9.74
N MET A 281 5.76 -18.25 8.62
CA MET A 281 6.46 -19.50 8.34
C MET A 281 7.63 -19.74 9.32
N GLU A 282 8.36 -18.68 9.70
CA GLU A 282 9.46 -18.75 10.65
C GLU A 282 8.95 -19.15 12.03
N ILE A 283 7.81 -18.61 12.44
CA ILE A 283 7.21 -18.92 13.74
C ILE A 283 6.76 -20.38 13.77
N LYS A 284 6.16 -20.86 12.66
CA LYS A 284 5.71 -22.24 12.53
C LYS A 284 6.91 -23.20 12.66
N ALA A 285 8.01 -22.89 11.96
CA ALA A 285 9.22 -23.70 11.98
C ALA A 285 9.91 -23.71 13.34
N LYS A 286 9.98 -22.55 14.02
CA LYS A 286 10.62 -22.42 15.32
C LYS A 286 9.94 -23.23 16.42
N ARG A 287 8.60 -23.32 16.39
CA ARG A 287 7.88 -24.10 17.40
C ARG A 287 7.80 -25.61 17.07
N HIS A 288 8.12 -25.99 15.82
CA HIS A 288 8.16 -27.37 15.36
C HIS A 288 9.35 -28.09 16.02
N GLU A 289 10.49 -27.39 16.15
CA GLU A 289 11.70 -27.92 16.77
C GLU A 289 11.53 -27.98 18.29
N SER B 4 -1.58 39.94 22.70
CA SER B 4 -1.00 39.11 21.64
C SER B 4 0.09 39.87 20.87
N LEU B 5 -0.11 41.18 20.67
CA LEU B 5 0.79 42.08 19.95
C LEU B 5 2.17 42.16 20.61
N THR B 6 2.21 42.10 21.95
CA THR B 6 3.49 42.15 22.68
C THR B 6 3.69 40.87 23.52
N LYS B 7 3.42 39.70 22.92
CA LYS B 7 3.54 38.42 23.63
C LYS B 7 4.97 37.85 23.77
N GLN B 8 5.80 37.93 22.70
CA GLN B 8 7.17 37.39 22.65
C GLN B 8 7.18 35.98 21.98
N PRO B 9 8.20 35.63 21.15
CA PRO B 9 8.17 34.35 20.41
C PRO B 9 7.89 33.07 21.20
N GLU B 10 8.47 32.94 22.41
CA GLU B 10 8.26 31.75 23.25
C GLU B 10 6.84 31.68 23.84
N GLU B 11 6.13 32.82 23.92
CA GLU B 11 4.75 32.82 24.40
C GLU B 11 3.75 32.55 23.27
N VAL B 12 4.11 32.88 22.01
CA VAL B 12 3.24 32.64 20.85
C VAL B 12 3.34 31.18 20.38
N PHE B 13 4.56 30.61 20.40
CA PHE B 13 4.78 29.24 19.98
C PHE B 13 5.47 28.39 21.03
N ASP B 14 4.94 27.19 21.25
CA ASP B 14 5.56 26.24 22.16
C ASP B 14 6.45 25.38 21.27
N VAL B 15 7.69 25.83 21.06
CA VAL B 15 8.62 25.10 20.21
C VAL B 15 9.06 23.79 20.89
N LEU B 16 8.66 22.67 20.27
CA LEU B 16 8.90 21.30 20.71
C LEU B 16 10.24 20.74 20.12
N GLU B 17 10.26 19.48 19.66
CA GLU B 17 11.47 18.80 19.22
C GLU B 17 11.91 19.12 17.79
N LYS B 18 13.22 18.99 17.55
CA LYS B 18 13.80 19.19 16.26
C LYS B 18 13.27 18.11 15.29
N LEU B 19 12.74 18.52 14.13
CA LEU B 19 12.27 17.57 13.12
C LEU B 19 13.44 17.11 12.22
N GLY B 20 14.46 17.95 12.08
CA GLY B 20 15.67 17.70 11.31
C GLY B 20 16.45 18.97 11.00
N GLU B 21 17.78 18.82 10.75
CA GLU B 21 18.72 19.88 10.37
C GLU B 21 19.98 19.26 9.80
N GLY B 22 20.47 18.16 10.44
CA GLY B 22 21.67 17.44 10.03
C GLY B 22 21.63 15.97 10.50
N SER B 26 18.09 24.65 10.96
CA SER B 26 17.40 23.63 11.75
C SER B 26 15.88 23.83 11.87
N VAL B 27 15.09 22.79 11.54
CA VAL B 27 13.63 22.87 11.62
C VAL B 27 13.15 22.21 12.91
N PHE B 28 12.17 22.82 13.60
CA PHE B 28 11.64 22.35 14.85
C PHE B 28 10.11 22.27 14.78
N LYS B 29 9.54 21.30 15.49
CA LYS B 29 8.09 21.18 15.59
C LYS B 29 7.63 22.26 16.61
N ALA B 30 6.41 22.83 16.44
CA ALA B 30 5.92 23.84 17.35
C ALA B 30 4.43 23.90 17.35
N ILE B 31 3.85 24.36 18.47
CA ILE B 31 2.42 24.56 18.54
C ILE B 31 2.11 26.06 18.62
N HIS B 32 1.17 26.54 17.82
CA HIS B 32 0.75 27.92 17.86
C HIS B 32 -0.29 27.99 18.98
N LYS B 33 0.12 28.38 20.20
CA LYS B 33 -0.72 28.44 21.40
C LYS B 33 -2.19 28.89 21.16
N GLU B 34 -2.41 30.00 20.47
CA GLU B 34 -3.75 30.53 20.21
C GLU B 34 -4.70 29.53 19.53
N SER B 35 -4.23 28.76 18.53
CA SER B 35 -5.13 27.82 17.83
C SER B 35 -4.81 26.34 18.01
N GLY B 36 -3.69 26.01 18.62
CA GLY B 36 -3.26 24.62 18.76
C GLY B 36 -2.63 24.04 17.50
N GLN B 37 -2.61 24.82 16.41
CA GLN B 37 -2.04 24.49 15.11
C GLN B 37 -0.59 24.06 15.22
N VAL B 38 -0.24 22.93 14.60
CA VAL B 38 1.15 22.50 14.59
C VAL B 38 1.82 23.13 13.33
N VAL B 39 3.00 23.71 13.55
CA VAL B 39 3.77 24.41 12.54
C VAL B 39 5.22 23.89 12.60
N ALA B 40 6.00 24.17 11.56
CA ALA B 40 7.40 23.83 11.53
C ALA B 40 8.16 25.15 11.47
N ILE B 41 9.15 25.32 12.36
CA ILE B 41 9.88 26.57 12.44
C ILE B 41 11.36 26.36 12.13
N LYS B 42 11.90 27.10 11.16
CA LYS B 42 13.31 27.01 10.84
C LYS B 42 14.11 28.14 11.54
N GLN B 43 15.05 27.75 12.40
CA GLN B 43 15.90 28.73 13.08
CA GLN B 43 15.91 28.69 13.10
C GLN B 43 17.10 29.02 12.21
N VAL B 44 17.20 30.26 11.73
CA VAL B 44 18.25 30.79 10.87
C VAL B 44 19.08 31.79 11.70
N PRO B 45 20.41 31.57 11.86
CA PRO B 45 21.23 32.52 12.65
C PRO B 45 21.34 33.93 12.03
N VAL B 46 22.07 34.87 12.71
CA VAL B 46 22.32 36.22 12.20
C VAL B 46 23.12 36.18 10.90
N ASP B 49 23.22 34.36 5.18
CA ASP B 49 22.90 35.57 4.44
C ASP B 49 21.41 35.92 4.50
N LEU B 50 21.11 37.04 5.17
CA LEU B 50 19.75 37.52 5.37
C LEU B 50 19.05 37.99 4.11
N GLN B 51 19.82 38.45 3.12
CA GLN B 51 19.25 38.87 1.84
C GLN B 51 18.76 37.64 1.06
N GLU B 52 19.45 36.51 1.19
CA GLU B 52 19.03 35.26 0.54
C GLU B 52 17.79 34.68 1.22
N ILE B 53 17.70 34.83 2.57
CA ILE B 53 16.54 34.37 3.34
C ILE B 53 15.28 35.08 2.86
N ILE B 54 15.39 36.38 2.59
CA ILE B 54 14.27 37.17 2.10
C ILE B 54 13.80 36.70 0.74
N LYS B 55 14.73 36.32 -0.14
CA LYS B 55 14.36 35.80 -1.46
C LYS B 55 13.63 34.46 -1.28
N GLU B 56 14.10 33.61 -0.36
CA GLU B 56 13.44 32.35 -0.05
C GLU B 56 12.02 32.58 0.48
N ILE B 57 11.85 33.57 1.40
CA ILE B 57 10.54 33.89 1.98
C ILE B 57 9.61 34.41 0.91
N SER B 58 10.11 35.32 0.06
CA SER B 58 9.36 35.91 -1.06
C SER B 58 8.82 34.89 -2.01
N ILE B 59 9.62 33.89 -2.36
CA ILE B 59 9.15 32.82 -3.24
C ILE B 59 8.02 32.05 -2.58
N MET B 60 8.16 31.73 -1.28
CA MET B 60 7.09 31.02 -0.58
C MET B 60 5.83 31.84 -0.50
N GLN B 61 5.98 33.15 -0.24
CA GLN B 61 4.86 34.08 -0.17
C GLN B 61 4.12 34.20 -1.48
N GLN B 62 4.83 34.18 -2.63
CA GLN B 62 4.15 34.32 -3.90
C GLN B 62 3.57 33.00 -4.45
N CYS B 63 3.72 31.87 -3.72
CA CYS B 63 3.13 30.60 -4.11
C CYS B 63 1.87 30.35 -3.27
N ASP B 64 0.80 29.91 -3.91
CA ASP B 64 -0.43 29.58 -3.22
C ASP B 64 -0.93 28.27 -3.86
N SER B 65 -0.39 27.14 -3.41
CA SER B 65 -0.72 25.84 -3.98
C SER B 65 -0.72 24.77 -2.90
N PRO B 66 -1.64 23.80 -2.99
CA PRO B 66 -1.63 22.68 -2.03
C PRO B 66 -0.38 21.79 -2.19
N TYR B 67 0.36 21.94 -3.29
CA TYR B 67 1.54 21.14 -3.57
C TYR B 67 2.85 21.85 -3.19
N VAL B 68 2.78 23.01 -2.52
CA VAL B 68 3.95 23.79 -2.09
C VAL B 68 3.72 24.20 -0.64
N VAL B 69 4.74 23.98 0.23
CA VAL B 69 4.74 24.34 1.64
C VAL B 69 4.44 25.85 1.86
N LYS B 70 3.47 26.14 2.73
CA LYS B 70 3.05 27.49 3.05
C LYS B 70 4.01 28.17 4.02
N TYR B 71 4.09 29.50 3.92
CA TYR B 71 4.88 30.36 4.81
C TYR B 71 3.83 31.11 5.66
N TYR B 72 4.03 31.13 6.98
CA TYR B 72 3.10 31.79 7.87
C TYR B 72 3.58 33.15 8.37
N GLY B 73 4.84 33.22 8.74
CA GLY B 73 5.41 34.45 9.28
C GLY B 73 6.79 34.20 9.84
N SER B 74 7.39 35.24 10.43
CA SER B 74 8.74 35.13 10.94
C SER B 74 8.95 35.97 12.20
N TYR B 75 9.86 35.53 13.06
CA TYR B 75 10.06 36.15 14.38
C TYR B 75 11.55 36.28 14.70
N PHE B 76 11.90 37.25 15.56
CA PHE B 76 13.30 37.42 15.98
C PHE B 76 13.40 37.04 17.44
N LYS B 77 14.33 36.16 17.78
CA LYS B 77 14.51 35.71 19.18
C LYS B 77 15.98 35.40 19.46
N ASN B 78 16.61 36.12 20.40
CA ASN B 78 18.01 35.92 20.78
C ASN B 78 18.95 36.02 19.58
N THR B 79 18.67 37.03 18.71
CA THR B 79 19.42 37.39 17.49
C THR B 79 19.10 36.42 16.29
N ASP B 80 18.33 35.34 16.52
CA ASP B 80 17.98 34.40 15.46
C ASP B 80 16.66 34.76 14.76
N LEU B 81 16.53 34.35 13.49
CA LEU B 81 15.32 34.51 12.69
C LEU B 81 14.59 33.16 12.71
N TRP B 82 13.32 33.16 13.08
CA TRP B 82 12.51 31.96 13.09
C TRP B 82 11.58 32.06 11.91
N ILE B 83 11.66 31.14 10.94
CA ILE B 83 10.76 31.16 9.81
C ILE B 83 9.67 30.15 10.07
N VAL B 84 8.44 30.62 10.22
CA VAL B 84 7.29 29.75 10.52
C VAL B 84 6.67 29.26 9.24
N MET B 85 6.61 27.93 9.09
CA MET B 85 6.09 27.29 7.90
C MET B 85 5.10 26.16 8.23
N GLU B 86 4.46 25.67 7.17
CA GLU B 86 3.53 24.55 7.20
C GLU B 86 4.27 23.28 7.60
N TYR B 87 3.73 22.61 8.61
CA TYR B 87 4.23 21.34 9.10
C TYR B 87 3.60 20.20 8.25
N CYS B 88 4.43 19.22 7.87
CA CYS B 88 3.93 18.08 7.11
C CYS B 88 4.15 16.87 7.99
N GLY B 89 3.06 16.34 8.53
CA GLY B 89 3.06 15.23 9.48
C GLY B 89 3.92 14.02 9.18
N ALA B 90 3.91 13.53 7.93
CA ALA B 90 4.67 12.31 7.60
C ALA B 90 6.18 12.51 7.44
N GLY B 91 6.63 13.76 7.39
CA GLY B 91 8.04 14.04 7.16
C GLY B 91 8.36 14.00 5.69
N SER B 92 9.66 13.92 5.37
CA SER B 92 10.08 13.85 3.97
C SER B 92 10.03 12.42 3.43
N VAL B 93 10.10 12.26 2.10
CA VAL B 93 10.19 10.95 1.47
C VAL B 93 11.49 10.26 1.95
N SER B 94 12.57 11.04 2.15
CA SER B 94 13.85 10.52 2.63
C SER B 94 13.73 9.97 4.07
N ASP B 95 12.93 10.63 4.92
CA ASP B 95 12.75 10.18 6.31
C ASP B 95 12.02 8.85 6.30
N ILE B 96 10.92 8.75 5.53
CA ILE B 96 10.13 7.52 5.38
C ILE B 96 11.00 6.32 4.95
N ILE B 97 11.86 6.53 3.97
CA ILE B 97 12.78 5.50 3.50
C ILE B 97 13.72 5.05 4.65
N ARG B 98 14.34 6.02 5.36
CA ARG B 98 15.28 5.83 6.46
C ARG B 98 14.65 5.14 7.72
N LEU B 99 13.48 5.61 8.14
CA LEU B 99 12.73 5.11 9.28
C LEU B 99 12.32 3.64 9.05
N ARG B 100 11.67 3.35 7.92
CA ARG B 100 11.23 1.99 7.60
C ARG B 100 12.37 1.09 7.13
N ASN B 101 13.54 1.67 6.76
CA ASN B 101 14.71 0.99 6.21
C ASN B 101 14.29 0.15 5.02
N LYS B 102 13.53 0.76 4.13
CA LYS B 102 12.98 0.10 2.96
C LYS B 102 12.87 1.14 1.85
N THR B 103 13.23 0.75 0.62
CA THR B 103 13.00 1.60 -0.53
C THR B 103 11.48 1.58 -0.87
N LEU B 104 11.04 2.48 -1.75
CA LEU B 104 9.63 2.53 -2.12
C LEU B 104 9.34 1.65 -3.33
N ILE B 105 8.19 0.96 -3.33
CA ILE B 105 7.80 0.16 -4.50
C ILE B 105 7.22 1.08 -5.58
N GLU B 106 7.14 0.61 -6.83
CA GLU B 106 6.64 1.44 -7.94
C GLU B 106 5.32 2.12 -7.72
N ASP B 107 4.34 1.45 -7.09
CA ASP B 107 3.04 2.07 -6.84
C ASP B 107 3.19 3.30 -5.95
N GLU B 108 4.09 3.21 -4.95
CA GLU B 108 4.34 4.30 -4.02
C GLU B 108 5.05 5.45 -4.71
N ILE B 109 6.10 5.14 -5.50
CA ILE B 109 6.86 6.11 -6.25
C ILE B 109 5.97 6.90 -7.20
N ALA B 110 5.13 6.22 -7.98
CA ALA B 110 4.22 6.90 -8.92
C ALA B 110 3.26 7.91 -8.22
N THR B 111 2.67 7.50 -7.10
CA THR B 111 1.74 8.34 -6.35
C THR B 111 2.42 9.60 -5.83
N ILE B 112 3.65 9.47 -5.29
CA ILE B 112 4.37 10.62 -4.76
C ILE B 112 4.80 11.53 -5.90
N LEU B 113 5.34 10.93 -6.96
CA LEU B 113 5.79 11.68 -8.13
C LEU B 113 4.69 12.42 -8.82
N LYS B 114 3.44 11.90 -8.79
CA LYS B 114 2.32 12.61 -9.39
C LYS B 114 2.09 13.95 -8.67
N SER B 115 2.04 13.95 -7.32
CA SER B 115 1.86 15.20 -6.56
C SER B 115 3.07 16.11 -6.70
N THR B 116 4.29 15.54 -6.71
CA THR B 116 5.51 16.32 -6.89
C THR B 116 5.48 17.04 -8.24
N LEU B 117 4.99 16.36 -9.29
CA LEU B 117 4.87 16.91 -10.64
C LEU B 117 3.85 18.02 -10.72
N LYS B 118 2.77 17.94 -9.94
CA LYS B 118 1.76 19.00 -9.90
C LYS B 118 2.32 20.26 -9.24
N GLY B 119 3.19 20.08 -8.25
CA GLY B 119 3.87 21.18 -7.57
C GLY B 119 4.93 21.77 -8.48
N LEU B 120 5.61 20.93 -9.25
CA LEU B 120 6.62 21.36 -10.19
C LEU B 120 5.94 22.12 -11.37
N GLU B 121 4.77 21.65 -11.81
CA GLU B 121 4.01 22.31 -12.85
C GLU B 121 3.55 23.69 -12.36
N TYR B 122 3.06 23.77 -11.11
CA TYR B 122 2.65 25.06 -10.51
C TYR B 122 3.84 26.04 -10.40
N LEU B 123 4.96 25.60 -9.80
CA LEU B 123 6.18 26.39 -9.64
C LEU B 123 6.67 26.91 -10.98
N HIS B 124 6.69 26.03 -11.99
CA HIS B 124 7.18 26.33 -13.34
C HIS B 124 6.23 27.27 -14.09
N PHE B 125 4.93 27.20 -13.81
CA PHE B 125 3.96 28.14 -14.36
C PHE B 125 4.17 29.54 -13.73
N MET B 126 4.52 29.58 -12.43
CA MET B 126 4.82 30.84 -11.74
C MET B 126 6.24 31.37 -12.03
N ARG B 127 6.98 30.71 -12.93
CA ARG B 127 8.31 31.02 -13.44
C ARG B 127 9.41 30.88 -12.40
N LYS B 128 9.28 29.87 -11.51
CA LYS B 128 10.32 29.63 -10.50
C LYS B 128 10.98 28.29 -10.76
N ILE B 129 12.28 28.19 -10.43
CA ILE B 129 13.03 26.94 -10.54
C ILE B 129 13.38 26.60 -9.10
N HIS B 130 13.03 25.39 -8.64
CA HIS B 130 13.30 25.00 -7.27
C HIS B 130 14.80 24.87 -7.02
N ARG B 131 15.49 24.17 -7.93
CA ARG B 131 16.94 23.95 -7.95
C ARG B 131 17.47 22.98 -6.89
N ASP B 132 16.61 22.51 -5.98
CA ASP B 132 17.03 21.54 -4.97
C ASP B 132 16.04 20.36 -4.81
N ILE B 133 15.53 19.83 -5.94
CA ILE B 133 14.63 18.69 -5.87
CA ILE B 133 14.62 18.69 -5.89
C ILE B 133 15.40 17.44 -5.54
N LYS B 134 14.98 16.76 -4.47
CA LYS B 134 15.52 15.53 -3.91
C LYS B 134 14.48 14.96 -2.94
N ALA B 135 14.64 13.71 -2.51
CA ALA B 135 13.69 13.08 -1.59
C ALA B 135 13.63 13.79 -0.24
N GLY B 136 14.75 14.38 0.18
CA GLY B 136 14.77 15.15 1.42
C GLY B 136 13.90 16.39 1.41
N ASN B 137 13.57 16.94 0.22
CA ASN B 137 12.76 18.17 0.14
C ASN B 137 11.33 17.97 -0.41
N ILE B 138 10.86 16.73 -0.44
CA ILE B 138 9.49 16.41 -0.81
C ILE B 138 8.89 15.95 0.51
N LEU B 139 7.91 16.67 1.04
CA LEU B 139 7.30 16.30 2.32
C LEU B 139 5.87 15.84 2.11
N LEU B 140 5.40 14.87 2.91
CA LEU B 140 4.02 14.44 2.79
C LEU B 140 3.29 14.86 4.04
N ASN B 141 2.03 15.30 3.88
CA ASN B 141 1.23 15.57 5.05
C ASN B 141 0.76 14.18 5.61
N THR B 142 0.03 14.18 6.72
CA THR B 142 -0.50 12.95 7.31
C THR B 142 -1.31 12.10 6.30
N GLU B 143 -2.16 12.76 5.47
CA GLU B 143 -2.96 12.05 4.48
C GLU B 143 -2.15 11.48 3.31
N GLY B 144 -0.91 11.95 3.11
CA GLY B 144 -0.07 11.43 2.03
C GLY B 144 0.06 12.34 0.84
N HIS B 145 -0.31 13.61 0.98
CA HIS B 145 -0.19 14.58 -0.10
C HIS B 145 1.21 15.17 -0.07
N ALA B 146 1.98 14.95 -1.15
CA ALA B 146 3.33 15.49 -1.26
C ALA B 146 3.32 17.01 -1.52
N LYS B 147 4.35 17.71 -1.03
CA LYS B 147 4.52 19.16 -1.14
C LYS B 147 5.97 19.47 -1.36
N LEU B 148 6.26 20.45 -2.21
CA LEU B 148 7.62 20.90 -2.42
C LEU B 148 8.04 21.77 -1.26
N ALA B 149 9.26 21.55 -0.77
CA ALA B 149 9.75 22.30 0.37
C ALA B 149 11.22 22.71 0.20
N ASP B 150 11.68 23.69 1.00
CA ASP B 150 13.03 24.23 1.01
C ASP B 150 13.33 25.04 -0.24
N PHE B 151 12.96 26.32 -0.20
CA PHE B 151 13.19 27.23 -1.32
C PHE B 151 14.46 28.08 -1.15
N GLY B 152 15.39 27.61 -0.32
CA GLY B 152 16.62 28.31 0.04
C GLY B 152 17.60 28.58 -1.07
N VAL B 153 17.45 27.83 -2.16
CA VAL B 153 18.36 27.98 -3.30
C VAL B 153 17.54 28.21 -4.62
N ALA B 154 16.20 28.44 -4.53
CA ALA B 154 15.30 28.65 -5.66
C ALA B 154 15.56 29.91 -6.45
N GLY B 155 15.26 29.86 -7.73
CA GLY B 155 15.48 31.00 -8.61
C GLY B 155 14.22 31.46 -9.30
N GLN B 156 14.30 32.67 -9.84
CA GLN B 156 13.16 33.26 -10.56
CA GLN B 156 13.20 33.34 -10.52
C GLN B 156 13.56 33.62 -11.98
N LEU B 157 12.65 33.39 -12.92
CA LEU B 157 12.82 33.69 -14.33
C LEU B 157 11.83 34.85 -14.67
N THR B 158 12.22 35.75 -15.58
CA THR B 158 11.36 36.86 -15.95
C THR B 158 10.26 36.48 -16.95
N ASP B 159 10.57 35.56 -17.88
CA ASP B 159 9.62 35.12 -18.90
C ASP B 159 9.98 33.74 -19.49
N TPO B 160 9.25 33.32 -20.54
CA TPO B 160 9.40 32.02 -21.20
CB TPO B 160 8.44 31.75 -22.45
CG2 TPO B 160 7.80 30.36 -22.42
OG1 TPO B 160 7.29 32.69 -22.73
P TPO B 160 6.30 33.32 -21.70
O1P TPO B 160 6.72 34.78 -21.47
O2P TPO B 160 6.22 32.59 -20.35
O3P TPO B 160 4.92 33.31 -22.35
C TPO B 160 10.83 31.75 -21.67
O TPO B 160 11.38 30.67 -21.39
N MET B 161 11.45 32.70 -22.39
CA MET B 161 12.79 32.51 -22.92
C MET B 161 13.94 32.89 -21.96
N ALA B 162 13.62 33.34 -20.73
CA ALA B 162 14.63 33.74 -19.75
C ALA B 162 15.44 32.55 -19.17
N LYS B 163 16.70 32.80 -18.74
CA LYS B 163 17.56 31.75 -18.21
C LYS B 163 18.45 32.15 -17.04
N ARG B 164 18.64 31.25 -16.07
CA ARG B 164 19.53 31.52 -14.93
C ARG B 164 20.92 30.90 -15.15
N ASN B 165 21.95 31.31 -14.37
CA ASN B 165 23.31 30.80 -14.61
C ASN B 165 24.09 30.37 -13.37
N TPO B 166 23.50 30.54 -12.18
CA TPO B 166 24.17 30.18 -10.94
CB TPO B 166 23.33 30.71 -9.75
CG2 TPO B 166 24.08 30.47 -8.41
OG1 TPO B 166 23.15 32.13 -9.90
P TPO B 166 21.67 32.62 -9.91
O1P TPO B 166 21.67 34.06 -10.33
O2P TPO B 166 21.04 32.35 -8.52
O3P TPO B 166 20.87 31.96 -11.02
C TPO B 166 24.28 28.68 -10.82
O TPO B 166 23.27 27.97 -10.88
N VAL B 167 25.50 28.17 -10.70
CA VAL B 167 25.76 26.76 -10.52
C VAL B 167 25.40 26.49 -9.04
N ILE B 168 24.15 26.06 -8.78
CA ILE B 168 23.70 25.85 -7.41
C ILE B 168 22.70 24.67 -7.30
N GLY B 169 22.68 24.05 -6.12
CA GLY B 169 21.84 22.91 -5.79
C GLY B 169 22.67 21.86 -5.08
N THR B 170 22.24 20.57 -5.11
CA THR B 170 22.97 19.48 -4.48
CA THR B 170 23.01 19.51 -4.48
C THR B 170 23.59 18.65 -5.59
N PRO B 171 24.95 18.59 -5.65
CA PRO B 171 25.62 17.87 -6.75
C PRO B 171 24.96 16.62 -7.35
N PHE B 172 24.63 15.59 -6.57
CA PHE B 172 24.07 14.35 -7.13
C PHE B 172 22.77 14.53 -7.91
N TRP B 173 22.02 15.60 -7.61
CA TRP B 173 20.72 15.86 -8.24
C TRP B 173 20.77 16.97 -9.32
N MET B 174 21.94 17.59 -9.52
CA MET B 174 22.07 18.72 -10.44
C MET B 174 22.09 18.34 -11.91
N ALA B 175 21.25 19.05 -12.70
CA ALA B 175 21.15 18.90 -14.15
C ALA B 175 22.51 19.23 -14.79
N PRO B 176 22.85 18.57 -15.92
CA PRO B 176 24.16 18.83 -16.54
C PRO B 176 24.30 20.23 -17.12
N GLU B 177 23.22 20.81 -17.66
CA GLU B 177 23.30 22.18 -18.20
C GLU B 177 23.58 23.22 -17.10
N VAL B 178 23.22 22.92 -15.84
CA VAL B 178 23.52 23.79 -14.72
C VAL B 178 25.04 23.80 -14.52
N ILE B 179 25.66 22.61 -14.52
CA ILE B 179 27.10 22.48 -14.34
C ILE B 179 27.92 23.00 -15.53
N GLN B 180 27.41 22.85 -16.77
CA GLN B 180 28.07 23.31 -17.99
C GLN B 180 28.23 24.81 -18.16
N GLU B 181 27.73 25.60 -17.20
CA GLU B 181 27.80 27.07 -17.17
C GLU B 181 27.13 27.73 -18.36
N ILE B 182 26.18 27.05 -19.00
CA ILE B 182 25.36 27.67 -20.04
C ILE B 182 24.03 28.09 -19.31
N GLY B 183 23.14 28.77 -20.03
CA GLY B 183 21.86 29.18 -19.45
C GLY B 183 21.00 27.97 -19.15
N TYR B 184 20.12 28.08 -18.14
CA TYR B 184 19.19 26.99 -17.83
C TYR B 184 17.82 27.53 -17.41
N ASN B 185 16.79 26.67 -17.41
CA ASN B 185 15.46 27.10 -17.01
C ASN B 185 14.76 26.03 -16.12
N CYS B 186 13.44 26.08 -15.98
CA CYS B 186 12.64 25.20 -15.16
C CYS B 186 12.88 23.70 -15.38
N VAL B 187 13.19 23.26 -16.62
CA VAL B 187 13.37 21.82 -16.85
C VAL B 187 14.60 21.25 -16.17
N ALA B 188 15.45 22.07 -15.55
CA ALA B 188 16.58 21.59 -14.76
C ALA B 188 16.03 20.80 -13.53
N ASP B 189 14.80 21.12 -13.04
CA ASP B 189 14.12 20.42 -11.95
C ASP B 189 13.61 19.05 -12.34
N ILE B 190 13.41 18.81 -13.65
CA ILE B 190 12.97 17.54 -14.20
C ILE B 190 14.12 16.57 -14.18
N TRP B 191 15.37 17.04 -14.50
CA TRP B 191 16.55 16.19 -14.34
C TRP B 191 16.67 15.76 -12.85
N SER B 192 16.56 16.74 -11.90
CA SER B 192 16.58 16.46 -10.46
C SER B 192 15.54 15.46 -10.05
N LEU B 193 14.31 15.58 -10.58
CA LEU B 193 13.18 14.66 -10.36
C LEU B 193 13.53 13.23 -10.82
N GLY B 194 14.31 13.12 -11.89
CA GLY B 194 14.75 11.86 -12.44
C GLY B 194 15.71 11.17 -11.51
N ILE B 195 16.69 11.93 -10.97
CA ILE B 195 17.62 11.41 -9.96
C ILE B 195 16.82 10.99 -8.71
N THR B 196 15.81 11.80 -8.33
CA THR B 196 14.96 11.52 -7.17
C THR B 196 14.17 10.22 -7.35
N SER B 197 13.72 9.91 -8.58
CA SER B 197 12.98 8.65 -8.78
CA SER B 197 13.00 8.66 -8.82
C SER B 197 13.91 7.46 -8.57
N ILE B 198 15.18 7.57 -8.99
CA ILE B 198 16.19 6.54 -8.76
C ILE B 198 16.50 6.47 -7.26
N GLU B 199 16.59 7.64 -6.60
CA GLU B 199 16.82 7.74 -5.16
C GLU B 199 15.70 7.05 -4.36
N MET B 200 14.43 7.22 -4.76
CA MET B 200 13.31 6.59 -4.06
C MET B 200 13.31 5.08 -4.27
N ALA B 201 13.66 4.61 -5.49
CA ALA B 201 13.70 3.20 -5.84
C ALA B 201 14.88 2.44 -5.25
N GLU B 202 16.05 3.09 -5.10
CA GLU B 202 17.26 2.43 -4.63
C GLU B 202 17.85 2.96 -3.32
N GLY B 203 17.23 3.96 -2.72
CA GLY B 203 17.70 4.51 -1.45
C GLY B 203 18.75 5.59 -1.55
N LYS B 204 19.43 5.66 -2.67
CA LYS B 204 20.48 6.65 -2.89
C LYS B 204 20.47 7.09 -4.35
N PRO B 205 20.91 8.33 -4.62
CA PRO B 205 21.03 8.75 -6.01
C PRO B 205 22.25 8.09 -6.65
N PRO B 206 22.31 8.09 -8.00
CA PRO B 206 23.52 7.61 -8.68
C PRO B 206 24.77 8.38 -8.23
N TYR B 207 25.93 7.70 -8.09
CA TYR B 207 27.19 8.32 -7.63
C TYR B 207 27.17 8.74 -6.17
N ALA B 208 26.19 8.29 -5.35
CA ALA B 208 26.11 8.67 -3.93
C ALA B 208 27.33 8.29 -3.09
N ASP B 209 28.16 7.37 -3.59
CA ASP B 209 29.37 6.91 -2.93
C ASP B 209 30.59 7.79 -3.20
N ILE B 210 30.58 8.52 -4.33
CA ILE B 210 31.68 9.37 -4.78
C ILE B 210 31.61 10.74 -4.11
N HIS B 211 32.79 11.41 -3.88
CA HIS B 211 32.86 12.75 -3.28
C HIS B 211 32.08 13.71 -4.16
N PRO B 212 31.14 14.49 -3.60
CA PRO B 212 30.31 15.38 -4.43
C PRO B 212 31.06 16.30 -5.39
N MET B 213 32.27 16.73 -5.04
CA MET B 213 33.06 17.61 -5.93
C MET B 213 33.66 16.84 -7.11
N ARG B 214 33.93 15.54 -6.96
CA ARG B 214 34.41 14.70 -8.08
C ARG B 214 33.20 14.31 -8.97
N ALA B 215 32.04 14.07 -8.36
CA ALA B 215 30.85 13.68 -9.08
C ALA B 215 30.28 14.80 -9.95
N ILE B 216 30.28 16.03 -9.43
CA ILE B 216 29.72 17.16 -10.17
C ILE B 216 30.43 17.40 -11.51
N PHE B 217 31.74 17.13 -11.60
CA PHE B 217 32.54 17.31 -12.80
C PHE B 217 32.15 16.34 -13.94
N MET B 218 31.82 15.09 -13.57
CA MET B 218 31.47 14.04 -14.54
C MET B 218 30.03 14.03 -15.02
N ILE B 219 29.10 14.69 -14.31
CA ILE B 219 27.69 14.68 -14.71
C ILE B 219 27.46 15.14 -16.18
N PRO B 220 28.07 16.25 -16.68
CA PRO B 220 27.83 16.63 -18.08
C PRO B 220 28.36 15.65 -19.14
N THR B 221 29.42 14.87 -18.81
CA THR B 221 30.02 13.92 -19.74
C THR B 221 29.47 12.52 -19.66
N ASN B 222 29.17 12.02 -18.45
CA ASN B 222 28.64 10.65 -18.27
C ASN B 222 27.36 10.40 -19.05
N PRO B 223 27.05 9.15 -19.43
CA PRO B 223 25.75 8.89 -20.08
C PRO B 223 24.64 9.08 -19.03
N PRO B 224 23.38 9.31 -19.48
CA PRO B 224 22.30 9.48 -18.49
C PRO B 224 22.22 8.30 -17.53
N PRO B 225 22.15 8.57 -16.22
CA PRO B 225 22.10 7.45 -15.24
C PRO B 225 20.89 6.54 -15.48
N THR B 226 21.06 5.26 -15.13
CA THR B 226 19.98 4.27 -15.24
C THR B 226 19.87 3.51 -13.90
N PHE B 227 18.85 2.65 -13.75
CA PHE B 227 18.69 1.81 -12.59
C PHE B 227 19.89 0.84 -12.48
N ARG B 228 20.32 0.56 -11.24
CA ARG B 228 21.44 -0.36 -10.96
C ARG B 228 21.11 -1.78 -11.45
N LYS B 229 19.85 -2.22 -11.27
CA LYS B 229 19.34 -3.51 -11.74
C LYS B 229 18.07 -3.24 -12.57
N PRO B 230 18.24 -2.98 -13.88
CA PRO B 230 17.08 -2.63 -14.71
C PRO B 230 15.93 -3.62 -14.76
N GLU B 231 16.24 -4.92 -14.63
CA GLU B 231 15.26 -6.00 -14.66
C GLU B 231 14.25 -5.96 -13.53
N LEU B 232 14.56 -5.25 -12.42
CA LEU B 232 13.63 -5.15 -11.30
C LEU B 232 12.53 -4.11 -11.52
N TRP B 233 12.53 -3.41 -12.68
CA TRP B 233 11.62 -2.29 -12.93
C TRP B 233 10.80 -2.39 -14.20
N SER B 234 9.54 -1.94 -14.11
CA SER B 234 8.59 -1.94 -15.23
C SER B 234 9.06 -1.09 -16.40
N ASP B 235 8.49 -1.36 -17.57
CA ASP B 235 8.83 -0.59 -18.76
C ASP B 235 8.39 0.87 -18.61
N ASP B 236 7.30 1.13 -17.87
CA ASP B 236 6.81 2.49 -17.70
C ASP B 236 7.70 3.31 -16.79
N PHE B 237 8.20 2.70 -15.71
CA PHE B 237 9.05 3.41 -14.77
C PHE B 237 10.41 3.69 -15.40
N THR B 238 10.96 2.71 -16.14
CA THR B 238 12.25 2.91 -16.82
C THR B 238 12.12 3.99 -17.90
N ASP B 239 10.96 4.08 -18.57
CA ASP B 239 10.74 5.09 -19.60
C ASP B 239 10.56 6.47 -18.98
N PHE B 240 9.89 6.55 -17.85
CA PHE B 240 9.69 7.81 -17.13
C PHE B 240 11.05 8.39 -16.71
N VAL B 241 11.94 7.54 -16.17
CA VAL B 241 13.27 7.96 -15.74
C VAL B 241 14.11 8.36 -16.97
N LYS B 242 13.98 7.60 -18.07
CA LYS B 242 14.67 7.91 -19.31
C LYS B 242 14.29 9.30 -19.83
N LYS B 243 12.99 9.67 -19.77
CA LYS B 243 12.54 10.98 -20.22
C LYS B 243 13.01 12.13 -19.30
N CYS B 244 13.11 11.88 -17.99
CA CYS B 244 13.60 12.89 -17.04
C CYS B 244 15.08 13.13 -17.24
N LEU B 245 15.83 12.05 -17.49
CA LEU B 245 17.26 12.14 -17.58
C LEU B 245 17.77 12.33 -19.04
N VAL B 246 17.15 13.25 -19.78
CA VAL B 246 17.63 13.60 -21.11
C VAL B 246 18.62 14.72 -20.89
N LYS B 247 19.91 14.47 -21.21
CA LYS B 247 20.99 15.43 -21.01
C LYS B 247 20.77 16.78 -21.67
N ASN B 248 20.19 16.78 -22.86
CA ASN B 248 19.90 18.03 -23.58
C ASN B 248 18.59 18.58 -23.07
N PRO B 249 18.63 19.75 -22.37
CA PRO B 249 17.40 20.33 -21.80
C PRO B 249 16.33 20.65 -22.83
N GLU B 250 16.75 21.00 -24.06
CA GLU B 250 15.81 21.32 -25.12
C GLU B 250 14.91 20.13 -25.50
N GLN B 251 15.35 18.89 -25.23
CA GLN B 251 14.55 17.70 -25.55
C GLN B 251 14.01 17.00 -24.30
N ARG B 252 14.13 17.61 -23.11
CA ARG B 252 13.66 17.02 -21.87
C ARG B 252 12.21 17.44 -21.67
N ALA B 253 11.37 16.50 -21.23
CA ALA B 253 9.97 16.78 -21.00
C ALA B 253 9.68 17.83 -19.91
N TPO B 254 8.49 18.42 -19.98
CA TPO B 254 8.03 19.39 -19.02
CB TPO B 254 7.24 20.52 -19.72
CG2 TPO B 254 8.28 21.30 -20.63
OG1 TPO B 254 6.05 20.09 -20.50
P TPO B 254 5.15 21.25 -21.25
O1P TPO B 254 4.86 22.48 -20.35
O2P TPO B 254 3.85 20.67 -21.74
O3P TPO B 254 5.74 21.80 -22.53
C TPO B 254 7.28 18.65 -17.92
O TPO B 254 6.96 17.48 -18.11
N ALA B 255 6.97 19.31 -16.79
CA ALA B 255 6.16 18.71 -15.76
C ALA B 255 4.73 18.42 -16.32
N THR B 256 4.19 19.35 -17.13
CA THR B 256 2.88 19.20 -17.75
C THR B 256 2.86 17.96 -18.66
N GLN B 257 3.97 17.68 -19.37
CA GLN B 257 4.08 16.53 -20.27
C GLN B 257 4.23 15.23 -19.48
N LEU B 258 5.02 15.24 -18.41
CA LEU B 258 5.22 14.06 -17.57
C LEU B 258 3.96 13.68 -16.79
N LEU B 259 3.03 14.62 -16.57
CA LEU B 259 1.76 14.29 -15.93
C LEU B 259 0.89 13.39 -16.86
N GLN B 260 1.18 13.36 -18.17
CA GLN B 260 0.51 12.51 -19.14
C GLN B 260 1.25 11.21 -19.44
N HIS B 261 2.50 11.05 -18.95
CA HIS B 261 3.25 9.81 -19.13
C HIS B 261 2.52 8.66 -18.40
N PRO B 262 2.46 7.46 -19.00
CA PRO B 262 1.70 6.35 -18.38
C PRO B 262 2.05 6.00 -16.94
N PHE B 263 3.34 6.10 -16.55
CA PHE B 263 3.74 5.82 -15.17
C PHE B 263 3.04 6.76 -14.18
N ILE B 264 2.77 8.02 -14.60
CA ILE B 264 2.08 9.00 -13.77
C ILE B 264 0.57 8.95 -13.96
N LYS B 265 0.09 8.83 -15.21
CA LYS B 265 -1.36 8.78 -15.47
C LYS B 265 -2.01 7.59 -14.77
N ASN B 266 -1.29 6.47 -14.61
CA ASN B 266 -1.87 5.30 -13.95
C ASN B 266 -1.53 5.24 -12.45
N ALA B 267 -1.21 6.40 -11.83
CA ALA B 267 -0.86 6.43 -10.42
C ALA B 267 -2.08 6.33 -9.56
N LYS B 268 -2.04 5.40 -8.60
CA LYS B 268 -3.12 5.16 -7.64
C LYS B 268 -3.26 6.37 -6.67
N PRO B 269 -4.44 6.58 -6.06
CA PRO B 269 -4.60 7.74 -5.17
C PRO B 269 -3.70 7.74 -3.93
N VAL B 270 -3.62 8.91 -3.30
CA VAL B 270 -2.85 9.21 -2.09
C VAL B 270 -3.19 8.24 -0.91
N SER B 271 -4.41 7.69 -0.93
CA SER B 271 -4.86 6.73 0.05
C SER B 271 -3.99 5.45 0.13
N ILE B 272 -3.19 5.14 -0.91
CA ILE B 272 -2.36 3.94 -0.89
C ILE B 272 -1.11 4.06 -0.01
N LEU B 273 -0.77 5.28 0.44
CA LEU B 273 0.42 5.51 1.25
C LEU B 273 0.16 5.40 2.76
N ARG B 274 -1.12 5.43 3.16
CA ARG B 274 -1.59 5.37 4.53
C ARG B 274 -0.81 4.43 5.46
N ASP B 275 -0.64 3.16 5.07
CA ASP B 275 0.04 2.17 5.92
C ASP B 275 1.54 2.36 6.05
N LEU B 276 2.24 2.78 4.99
CA LEU B 276 3.68 3.03 5.12
C LEU B 276 3.97 4.32 5.91
N ILE B 277 3.01 5.26 5.93
CA ILE B 277 3.12 6.50 6.70
C ILE B 277 2.93 6.13 8.19
N THR B 278 1.92 5.29 8.47
CA THR B 278 1.64 4.76 9.81
C THR B 278 2.86 3.99 10.32
N GLU B 279 3.48 3.19 9.46
CA GLU B 279 4.66 2.43 9.83
C GLU B 279 5.80 3.35 10.23
N ALA B 280 6.12 4.35 9.40
CA ALA B 280 7.19 5.30 9.69
C ALA B 280 6.90 6.07 10.99
N MET B 281 5.66 6.52 11.18
CA MET B 281 5.26 7.27 12.38
CA MET B 281 5.31 7.27 12.39
C MET B 281 5.28 6.39 13.64
N GLU B 282 4.97 5.09 13.51
CA GLU B 282 4.98 4.21 14.68
C GLU B 282 6.42 3.81 15.04
N ILE B 283 7.34 3.79 14.05
CA ILE B 283 8.77 3.54 14.28
C ILE B 283 9.40 4.80 14.92
N LYS B 284 8.95 6.00 14.47
CA LYS B 284 9.43 7.25 15.03
C LYS B 284 9.02 7.35 16.50
N ALA B 285 7.75 7.09 16.82
CA ALA B 285 7.22 7.14 18.19
C ALA B 285 7.86 6.07 19.11
N LYS B 286 8.29 4.95 18.53
CA LYS B 286 8.94 3.88 19.28
C LYS B 286 10.32 4.37 19.72
N ARG B 287 11.07 5.02 18.82
CA ARG B 287 12.40 5.55 19.15
C ARG B 287 12.36 6.78 20.08
N HIS B 288 11.19 7.40 20.26
CA HIS B 288 10.96 8.53 21.16
C HIS B 288 10.94 8.02 22.62
N GLU B 289 10.41 6.79 22.85
CA GLU B 289 10.34 6.16 24.16
C GLU B 289 11.74 5.90 24.71
N GLU B 290 12.63 5.30 23.89
CA GLU B 290 14.01 5.00 24.28
C GLU B 290 14.88 6.27 24.37
C4 5BS C . -4.76 -27.09 3.65
C5 5BS C . -5.02 -27.16 2.25
C6 5BS C . -4.01 -26.74 1.39
N1 5BS C . -2.83 -26.28 1.83
N3 5BS C . -3.56 -26.65 4.08
CAA 5BS C . -6.11 -28.61 0.56
NAZ 5BS C . -6.20 -27.60 1.61
CAU 5BS C . -7.49 -27.29 2.00
OAD 5BS C . -8.46 -27.57 1.31
CAY 5BS C . -7.73 -26.62 3.29
SAQ 5BS C . -9.18 -25.70 3.44
CAG 5BS C . -8.86 -25.36 5.10
CAL 5BS C . -7.70 -25.93 5.55
CAW 5BS C . -7.04 -26.65 4.50
NBA 5BS C . -5.69 -27.10 4.71
CAB 5BS C . -5.22 -27.20 6.09
C2 5BS C . -2.68 -26.24 3.16
NAP 5BS C . -1.52 -25.63 3.57
CAR 5BS C . -0.97 -25.30 4.84
CAH 5BS C . 0.34 -24.88 4.96
CAJ 5BS C . 0.85 -24.47 6.18
CAT 5BS C . 0.02 -24.49 7.30
SBB 5BS C . 0.65 -23.96 8.86
OAE 5BS C . -0.36 -23.16 9.50
OAF 5BS C . 1.13 -25.11 9.55
NAC 5BS C . 1.90 -22.99 8.58
CAK 5BS C . -1.30 -24.92 7.20
CAI 5BS C . -1.78 -25.33 5.97
NA NA D . -16.93 -5.57 13.55
NA NA E . -18.18 -19.31 6.42
C4 5BS F . 10.02 20.04 7.77
C5 5BS F . 9.12 20.93 7.12
C6 5BS F . 7.76 20.67 7.25
N1 5BS F . 7.27 19.63 7.95
N3 5BS F . 9.52 18.99 8.45
CAA 5BS F . 8.75 23.35 6.74
NAZ 5BS F . 9.47 22.12 6.42
CAU 5BS F . 10.53 22.26 5.57
OAD 5BS F . 10.68 23.26 4.87
CAY 5BS F . 11.53 21.20 5.48
SAQ 5BS F . 12.32 21.02 3.96
CAG 5BS F . 13.35 19.78 4.58
CAL 5BS F . 13.11 19.49 5.89
CAW 5BS F . 12.05 20.29 6.41
NBA 5BS F . 11.43 19.91 7.61
CAB 5BS F . 12.20 19.06 8.52
C2 5BS F . 8.19 18.83 8.48
NAP 5BS F . 7.72 17.67 9.06
CAR 5BS F . 8.32 16.55 9.66
CAH 5BS F . 7.52 15.57 10.24
CAJ 5BS F . 8.09 14.40 10.72
CAT 5BS F . 9.46 14.23 10.64
SBB 5BS F . 10.21 12.80 11.37
OAE 5BS F . 9.15 11.87 11.65
OAF 5BS F . 11.04 13.26 12.45
NAC 5BS F . 11.19 12.10 10.31
CAK 5BS F . 10.26 15.20 10.06
CAI 5BS F . 9.69 16.36 9.57
#